data_3L9C
#
_entry.id   3L9C
#
_cell.length_a   55.280
_cell.length_b   62.940
_cell.length_c   65.070
_cell.angle_alpha   90.00
_cell.angle_beta   91.99
_cell.angle_gamma   90.00
#
_symmetry.space_group_name_H-M   'P 1 21 1'
#
loop_
_entity.id
_entity.type
_entity.pdbx_description
1 polymer '3-dehydroquinate dehydratase'
2 water water
#
_entity_poly.entity_id   1
_entity_poly.type   'polypeptide(L)'
_entity_poly.pdbx_seq_one_letter_code
;MGSSHHHHHHSSGLVPRGSHMASMTGGQQMGRGSMKIVVPVMPQNIEEANQLDLTRIDSTDIIEWRADYLVKDDILTVAP
AIFEKFSGHEVIFTLRTEKEGGNISLSNEDYLAIIRDIAALYQPDYIDFEYFSYRDVLEEMYDFSNLILSYHNFEETPEN
LMEVFSELTALAPRVVKIAVMPKNEQDVLDLMNYTRGFKTLNPNQEYVTMSMSKLGRISRLAADLIGSSWTFASLEQESA
PGQISLADMRKIKEVLDAN
;
_entity_poly.pdbx_strand_id   A,B
#
# COMPACT_ATOMS: atom_id res chain seq x y z
N SER A 11 22.07 6.54 -33.06
CA SER A 11 22.82 5.36 -32.65
C SER A 11 23.67 5.64 -31.42
N SER A 12 24.98 5.74 -31.59
CA SER A 12 25.89 6.00 -30.48
C SER A 12 25.58 7.36 -29.85
N GLY A 13 25.73 7.46 -28.54
CA GLY A 13 25.47 8.70 -27.83
C GLY A 13 26.68 9.61 -27.82
N LEU A 14 26.49 10.83 -27.33
CA LEU A 14 27.57 11.80 -27.21
C LEU A 14 28.69 11.32 -26.30
N VAL A 15 28.39 10.33 -25.47
CA VAL A 15 29.38 9.72 -24.59
C VAL A 15 29.54 8.24 -24.95
N PRO A 16 30.68 7.89 -25.56
CA PRO A 16 30.96 6.57 -26.15
C PRO A 16 30.85 5.39 -25.19
N ARG A 17 30.73 4.20 -25.76
CA ARG A 17 30.57 2.96 -25.00
C ARG A 17 29.28 2.94 -24.19
N SER A 34 13.61 -17.53 -25.29
CA SER A 34 13.65 -17.81 -23.85
C SER A 34 13.86 -16.53 -23.06
N MET A 35 13.17 -16.43 -21.93
CA MET A 35 13.12 -15.19 -21.16
C MET A 35 14.47 -14.66 -20.69
N LYS A 36 14.62 -13.35 -20.78
CA LYS A 36 15.81 -12.69 -20.27
C LYS A 36 15.52 -12.13 -18.89
N ILE A 37 16.56 -11.95 -18.09
CA ILE A 37 16.39 -11.48 -16.73
C ILE A 37 16.80 -10.02 -16.64
N VAL A 38 15.89 -9.19 -16.13
CA VAL A 38 16.19 -7.78 -15.88
C VAL A 38 16.53 -7.63 -14.41
N VAL A 39 17.65 -6.96 -14.14
CA VAL A 39 18.12 -6.76 -12.78
C VAL A 39 18.13 -5.27 -12.49
N PRO A 40 17.24 -4.81 -11.59
CA PRO A 40 17.21 -3.38 -11.26
C PRO A 40 18.37 -2.97 -10.36
N VAL A 41 18.89 -1.77 -10.60
CA VAL A 41 19.89 -1.18 -9.72
C VAL A 41 19.39 0.19 -9.30
N MET A 42 19.58 0.51 -8.02
CA MET A 42 18.96 1.69 -7.43
C MET A 42 19.94 2.49 -6.59
N PRO A 43 21.09 2.87 -7.16
CA PRO A 43 22.04 3.64 -6.35
C PRO A 43 21.44 4.98 -5.96
N GLN A 44 21.76 5.48 -4.77
CA GLN A 44 21.19 6.75 -4.30
C GLN A 44 22.19 7.89 -4.42
N ASN A 45 23.37 7.59 -4.95
CA ASN A 45 24.40 8.59 -5.18
C ASN A 45 25.52 8.03 -6.06
N ILE A 46 26.46 8.88 -6.45
CA ILE A 46 27.49 8.46 -7.39
C ILE A 46 28.43 7.41 -6.78
N GLU A 47 28.67 7.51 -5.48
CA GLU A 47 29.54 6.55 -4.81
C GLU A 47 28.93 5.16 -4.85
N GLU A 48 27.64 5.07 -4.52
CA GLU A 48 26.93 3.80 -4.61
C GLU A 48 26.94 3.28 -6.04
N ALA A 49 26.76 4.17 -7.00
CA ALA A 49 26.77 3.76 -8.40
C ALA A 49 28.08 3.09 -8.77
N ASN A 50 29.20 3.70 -8.37
CA ASN A 50 30.50 3.12 -8.68
C ASN A 50 30.82 1.86 -7.89
N GLN A 51 30.03 1.59 -6.85
CA GLN A 51 30.23 0.41 -6.00
C GLN A 51 29.35 -0.76 -6.41
N LEU A 52 28.49 -0.56 -7.39
CA LEU A 52 27.63 -1.65 -7.84
C LEU A 52 28.45 -2.87 -8.23
N ASP A 53 28.05 -4.03 -7.73
CA ASP A 53 28.78 -5.27 -7.91
C ASP A 53 28.31 -6.03 -9.16
N LEU A 54 29.22 -6.21 -10.12
CA LEU A 54 28.89 -6.91 -11.36
C LEU A 54 29.14 -8.42 -11.25
N THR A 55 29.60 -8.86 -10.09
CA THR A 55 30.01 -10.25 -9.89
C THR A 55 28.89 -11.27 -10.11
N ARG A 56 27.65 -10.90 -9.79
CA ARG A 56 26.53 -11.83 -9.91
C ARG A 56 25.78 -11.70 -11.23
N ILE A 57 26.05 -10.62 -11.96
CA ILE A 57 25.39 -10.37 -13.24
C ILE A 57 26.11 -11.09 -14.36
N ASP A 58 25.34 -11.69 -15.27
CA ASP A 58 25.93 -12.29 -16.46
C ASP A 58 25.64 -11.43 -17.70
N SER A 59 26.31 -11.74 -18.80
CA SER A 59 26.30 -10.89 -19.99
C SER A 59 24.94 -10.79 -20.67
N THR A 60 24.04 -11.70 -20.35
CA THR A 60 22.73 -11.71 -20.99
C THR A 60 21.67 -11.02 -20.13
N ASP A 61 22.04 -10.65 -18.91
CA ASP A 61 21.12 -9.93 -18.05
C ASP A 61 20.96 -8.51 -18.54
N ILE A 62 19.74 -8.00 -18.48
CA ILE A 62 19.48 -6.60 -18.77
C ILE A 62 19.50 -5.82 -17.46
N ILE A 63 20.16 -4.67 -17.46
CA ILE A 63 20.24 -3.85 -16.26
C ILE A 63 19.18 -2.75 -16.31
N GLU A 64 18.34 -2.65 -15.28
CA GLU A 64 17.41 -1.53 -15.22
C GLU A 64 17.89 -0.50 -14.23
N TRP A 65 18.24 0.68 -14.73
CA TRP A 65 18.63 1.76 -13.84
C TRP A 65 17.39 2.49 -13.36
N ARG A 66 17.04 2.26 -12.10
CA ARG A 66 15.94 2.99 -11.47
C ARG A 66 16.45 4.36 -11.03
N ALA A 67 16.43 5.31 -11.96
CA ALA A 67 16.97 6.64 -11.70
C ALA A 67 16.09 7.45 -10.75
N ASP A 68 14.85 7.01 -10.53
CA ASP A 68 13.95 7.73 -9.64
C ASP A 68 14.39 7.63 -8.18
N TYR A 69 15.37 6.78 -7.91
CA TYR A 69 15.95 6.70 -6.56
C TYR A 69 16.87 7.88 -6.28
N LEU A 70 17.00 8.77 -7.26
CA LEU A 70 17.81 9.98 -7.12
C LEU A 70 16.93 11.21 -7.19
N VAL A 71 17.38 12.29 -6.55
CA VAL A 71 16.72 13.58 -6.70
C VAL A 71 16.99 14.09 -8.12
N LYS A 72 16.09 14.91 -8.63
CA LYS A 72 16.16 15.37 -10.02
C LYS A 72 17.56 15.85 -10.40
N ASP A 73 18.15 16.69 -9.56
CA ASP A 73 19.41 17.34 -9.89
C ASP A 73 20.63 16.42 -9.83
N ASP A 74 20.44 15.16 -9.43
CA ASP A 74 21.54 14.21 -9.36
C ASP A 74 21.53 13.20 -10.51
N ILE A 75 20.47 13.19 -11.30
CA ILE A 75 20.36 12.15 -12.32
C ILE A 75 21.47 12.27 -13.37
N LEU A 76 21.66 13.46 -13.93
CA LEU A 76 22.71 13.63 -14.93
C LEU A 76 24.11 13.42 -14.37
N THR A 77 24.31 13.76 -13.10
CA THR A 77 25.63 13.62 -12.50
C THR A 77 26.01 12.16 -12.24
N VAL A 78 25.00 11.32 -11.98
CA VAL A 78 25.24 9.90 -11.72
C VAL A 78 25.32 9.09 -13.02
N ALA A 79 24.62 9.56 -14.05
CA ALA A 79 24.52 8.84 -15.31
C ALA A 79 25.85 8.34 -15.90
N PRO A 80 26.90 9.19 -15.89
CA PRO A 80 28.16 8.73 -16.48
C PRO A 80 28.70 7.46 -15.80
N ALA A 81 28.55 7.38 -14.48
CA ALA A 81 29.00 6.21 -13.72
C ALA A 81 28.17 4.97 -14.06
N ILE A 82 26.86 5.16 -14.17
CA ILE A 82 25.97 4.06 -14.51
C ILE A 82 26.36 3.47 -15.86
N PHE A 83 26.58 4.33 -16.84
CA PHE A 83 26.80 3.84 -18.19
C PHE A 83 28.22 3.32 -18.41
N GLU A 84 29.16 3.79 -17.59
CA GLU A 84 30.49 3.22 -17.63
C GLU A 84 30.46 1.85 -16.96
N LYS A 85 29.81 1.77 -15.80
CA LYS A 85 29.73 0.52 -15.05
C LYS A 85 29.10 -0.58 -15.89
N PHE A 86 28.01 -0.25 -16.59
CA PHE A 86 27.25 -1.28 -17.30
C PHE A 86 27.46 -1.26 -18.81
N SER A 87 28.62 -0.78 -19.25
CA SER A 87 28.99 -0.96 -20.63
C SER A 87 29.03 -2.46 -20.87
N GLY A 88 28.59 -2.89 -22.05
CA GLY A 88 28.56 -4.31 -22.35
C GLY A 88 27.32 -5.01 -21.85
N HIS A 89 26.45 -4.27 -21.16
CA HIS A 89 25.12 -4.76 -20.83
C HIS A 89 24.07 -3.91 -21.52
N GLU A 90 22.93 -4.52 -21.85
CA GLU A 90 21.77 -3.76 -22.25
C GLU A 90 21.26 -3.03 -21.03
N VAL A 91 20.87 -1.76 -21.21
CA VAL A 91 20.38 -0.97 -20.10
C VAL A 91 19.00 -0.36 -20.39
N ILE A 92 18.12 -0.45 -19.40
CA ILE A 92 16.86 0.29 -19.37
C ILE A 92 17.00 1.53 -18.49
N PHE A 93 16.64 2.70 -19.01
CA PHE A 93 16.59 3.90 -18.20
C PHE A 93 15.17 4.12 -17.70
N THR A 94 14.98 4.05 -16.38
CA THR A 94 13.64 4.13 -15.80
C THR A 94 13.45 5.24 -14.77
N LEU A 95 12.50 6.11 -15.05
CA LEU A 95 12.01 7.10 -14.10
C LEU A 95 10.64 6.63 -13.62
N ARG A 96 10.59 5.86 -12.54
CA ARG A 96 9.32 5.42 -12.00
C ARG A 96 8.78 6.48 -11.05
N THR A 97 7.58 6.99 -11.34
CA THR A 97 7.01 8.06 -10.52
C THR A 97 6.26 7.57 -9.29
N GLU A 98 6.02 8.49 -8.37
CA GLU A 98 5.34 8.18 -7.12
C GLU A 98 3.93 7.67 -7.36
N LYS A 99 3.32 8.06 -8.47
CA LYS A 99 1.98 7.58 -8.80
C LYS A 99 1.95 6.08 -9.04
N GLU A 100 3.10 5.52 -9.44
CA GLU A 100 3.19 4.10 -9.72
C GLU A 100 4.29 3.38 -8.95
N GLY A 101 4.42 3.71 -7.67
CA GLY A 101 5.31 3.00 -6.78
C GLY A 101 6.75 3.43 -6.86
N GLY A 102 7.01 4.53 -7.56
CA GLY A 102 8.36 5.05 -7.73
C GLY A 102 8.70 6.11 -6.69
N ASN A 103 9.90 6.69 -6.83
CA ASN A 103 10.43 7.57 -5.81
C ASN A 103 10.68 9.02 -6.27
N ILE A 104 10.09 9.39 -7.39
CA ILE A 104 10.24 10.75 -7.90
C ILE A 104 8.94 11.28 -8.48
N SER A 105 8.77 12.60 -8.41
CA SER A 105 7.69 13.29 -9.11
C SER A 105 8.30 14.32 -10.04
N LEU A 106 7.82 14.36 -11.27
CA LEU A 106 8.37 15.25 -12.28
C LEU A 106 7.26 15.83 -13.14
N SER A 107 7.39 17.11 -13.48
CA SER A 107 6.49 17.74 -14.43
C SER A 107 6.69 17.14 -15.81
N ASN A 108 5.71 17.29 -16.69
CA ASN A 108 5.86 16.86 -18.07
C ASN A 108 7.17 17.34 -18.66
N GLU A 109 7.47 18.63 -18.46
CA GLU A 109 8.66 19.23 -19.05
C GLU A 109 9.96 18.58 -18.55
N ASP A 110 10.05 18.36 -17.25
CA ASP A 110 11.28 17.83 -16.67
C ASP A 110 11.45 16.36 -17.02
N TYR A 111 10.33 15.63 -17.05
CA TYR A 111 10.34 14.23 -17.41
C TYR A 111 10.89 14.07 -18.83
N LEU A 112 10.34 14.85 -19.76
CA LEU A 112 10.78 14.80 -21.15
C LEU A 112 12.24 15.25 -21.30
N ALA A 113 12.63 16.29 -20.57
CA ALA A 113 13.99 16.81 -20.70
C ALA A 113 15.02 15.77 -20.28
N ILE A 114 14.77 15.13 -19.15
CA ILE A 114 15.70 14.16 -18.62
C ILE A 114 15.82 12.98 -19.56
N ILE A 115 14.68 12.45 -20.00
CA ILE A 115 14.68 11.34 -20.93
C ILE A 115 15.43 11.68 -22.22
N ARG A 116 15.15 12.86 -22.77
CA ARG A 116 15.76 13.26 -24.03
C ARG A 116 17.27 13.45 -23.90
N ASP A 117 17.69 14.05 -22.80
CA ASP A 117 19.13 14.25 -22.57
C ASP A 117 19.86 12.92 -22.34
N ILE A 118 19.27 12.05 -21.53
CA ILE A 118 19.87 10.73 -21.35
C ILE A 118 19.97 9.99 -22.68
N ALA A 119 18.89 10.03 -23.46
CA ALA A 119 18.89 9.40 -24.77
C ALA A 119 20.00 9.93 -25.67
N ALA A 120 20.15 11.26 -25.71
CA ALA A 120 21.14 11.90 -26.57
C ALA A 120 22.58 11.65 -26.08
N LEU A 121 22.76 11.65 -24.76
CA LEU A 121 24.08 11.47 -24.19
C LEU A 121 24.57 10.02 -24.16
N TYR A 122 23.69 9.10 -23.78
CA TYR A 122 24.14 7.75 -23.47
C TYR A 122 23.48 6.66 -24.32
N GLN A 123 22.40 7.02 -24.99
CA GLN A 123 21.66 6.07 -25.81
C GLN A 123 21.40 4.71 -25.13
N PRO A 124 20.61 4.73 -24.06
CA PRO A 124 20.22 3.48 -23.39
C PRO A 124 19.50 2.58 -24.38
N ASP A 125 19.61 1.27 -24.21
CA ASP A 125 18.93 0.35 -25.12
C ASP A 125 17.41 0.51 -25.07
N TYR A 126 16.88 0.79 -23.88
CA TYR A 126 15.46 1.00 -23.71
C TYR A 126 15.18 2.20 -22.80
N ILE A 127 14.06 2.87 -23.07
CA ILE A 127 13.61 3.95 -22.22
C ILE A 127 12.19 3.69 -21.73
N ASP A 128 12.03 3.64 -20.41
CA ASP A 128 10.72 3.50 -19.80
C ASP A 128 9.90 4.76 -19.99
N PHE A 129 8.63 4.59 -20.36
CA PHE A 129 7.70 5.70 -20.45
C PHE A 129 6.43 5.33 -19.70
N GLU A 130 6.20 5.99 -18.58
CA GLU A 130 5.07 5.69 -17.72
C GLU A 130 3.78 6.23 -18.34
N TYR A 131 3.11 5.35 -19.08
CA TYR A 131 2.06 5.75 -20.02
C TYR A 131 0.97 6.65 -19.44
N PHE A 132 0.31 6.18 -18.39
CA PHE A 132 -0.84 6.91 -17.84
C PHE A 132 -0.43 8.18 -17.10
N SER A 133 0.79 8.20 -16.60
CA SER A 133 1.32 9.39 -15.95
C SER A 133 1.67 10.49 -16.93
N TYR A 134 2.02 10.12 -18.16
CA TYR A 134 2.48 11.11 -19.14
C TYR A 134 1.85 10.96 -20.53
N ARG A 135 0.66 10.38 -20.59
CA ARG A 135 0.01 10.12 -21.88
C ARG A 135 -0.06 11.35 -22.76
N ASP A 136 -0.41 12.49 -22.15
CA ASP A 136 -0.54 13.74 -22.89
C ASP A 136 0.65 14.00 -23.80
N VAL A 137 1.86 13.85 -23.26
CA VAL A 137 3.06 14.23 -23.98
C VAL A 137 3.76 13.07 -24.70
N LEU A 138 3.09 11.93 -24.79
CA LEU A 138 3.66 10.79 -25.50
C LEU A 138 3.94 11.14 -26.95
N GLU A 139 3.11 12.02 -27.52
CA GLU A 139 3.25 12.44 -28.90
C GLU A 139 4.61 13.09 -29.17
N GLU A 140 5.20 13.70 -28.14
CA GLU A 140 6.48 14.37 -28.30
C GLU A 140 7.62 13.37 -28.39
N MET A 141 7.30 12.09 -28.22
CA MET A 141 8.31 11.04 -28.28
C MET A 141 8.19 10.24 -29.58
N TYR A 142 7.57 10.85 -30.58
CA TYR A 142 7.27 10.18 -31.85
C TYR A 142 8.50 9.58 -32.54
N ASP A 143 9.67 10.13 -32.27
CA ASP A 143 10.89 9.67 -32.92
C ASP A 143 11.64 8.58 -32.14
N PHE A 144 11.06 8.13 -31.03
CA PHE A 144 11.66 7.06 -30.24
C PHE A 144 11.12 5.70 -30.65
N SER A 145 12.02 4.74 -30.85
CA SER A 145 11.62 3.40 -31.24
C SER A 145 12.05 2.35 -30.20
N ASN A 146 12.53 2.82 -29.06
CA ASN A 146 12.96 1.91 -27.99
C ASN A 146 12.21 2.14 -26.70
N LEU A 147 10.94 2.53 -26.81
CA LEU A 147 10.15 2.82 -25.62
C LEU A 147 9.54 1.58 -25.01
N ILE A 148 9.55 1.54 -23.67
CA ILE A 148 8.76 0.59 -22.93
C ILE A 148 7.57 1.36 -22.39
N LEU A 149 6.38 1.14 -22.96
CA LEU A 149 5.19 1.77 -22.44
C LEU A 149 4.73 0.96 -21.24
N SER A 150 4.84 1.55 -20.06
CA SER A 150 4.64 0.80 -18.83
C SER A 150 3.47 1.29 -17.99
N TYR A 151 2.84 0.35 -17.31
CA TYR A 151 1.78 0.63 -16.35
C TYR A 151 1.93 -0.27 -15.12
N HIS A 152 1.81 0.33 -13.94
CA HIS A 152 1.92 -0.39 -12.68
C HIS A 152 0.79 -0.04 -11.74
N ASN A 153 0.03 -1.04 -11.32
CA ASN A 153 -1.02 -0.87 -10.34
C ASN A 153 -0.71 -1.67 -9.08
N PHE A 154 -0.44 -0.96 -7.99
CA PHE A 154 -0.02 -1.59 -6.74
C PHE A 154 -1.17 -1.88 -5.80
N GLU A 155 -2.39 -1.53 -6.23
CA GLU A 155 -3.56 -1.69 -5.39
C GLU A 155 -4.41 -2.88 -5.81
N GLU A 156 -4.58 -3.04 -7.12
CA GLU A 156 -5.45 -4.09 -7.64
C GLU A 156 -5.11 -4.48 -9.06
N THR A 157 -5.84 -5.46 -9.58
CA THR A 157 -5.77 -5.83 -10.97
C THR A 157 -7.06 -5.33 -11.62
N PRO A 158 -6.99 -4.20 -12.32
CA PRO A 158 -8.18 -3.52 -12.84
C PRO A 158 -9.10 -4.42 -13.67
N GLU A 159 -10.40 -4.13 -13.58
CA GLU A 159 -11.41 -4.84 -14.37
C GLU A 159 -11.13 -4.76 -15.85
N ASN A 160 -10.65 -3.60 -16.29
CA ASN A 160 -10.44 -3.33 -17.71
C ASN A 160 -9.02 -3.68 -18.17
N LEU A 161 -8.37 -4.61 -17.48
CA LEU A 161 -7.01 -4.99 -17.82
C LEU A 161 -6.86 -5.26 -19.31
N MET A 162 -7.81 -6.00 -19.87
CA MET A 162 -7.79 -6.28 -21.31
C MET A 162 -7.69 -5.00 -22.14
N GLU A 163 -8.41 -3.95 -21.72
CA GLU A 163 -8.38 -2.69 -22.45
C GLU A 163 -7.01 -2.03 -22.36
N VAL A 164 -6.37 -2.16 -21.20
CA VAL A 164 -5.02 -1.63 -21.04
C VAL A 164 -4.08 -2.32 -22.03
N PHE A 165 -4.10 -3.66 -22.06
CA PHE A 165 -3.29 -4.38 -23.03
C PHE A 165 -3.56 -3.87 -24.43
N SER A 166 -4.84 -3.71 -24.77
CA SER A 166 -5.22 -3.27 -26.11
C SER A 166 -4.70 -1.88 -26.45
N GLU A 167 -4.84 -0.96 -25.49
CA GLU A 167 -4.46 0.43 -25.73
C GLU A 167 -2.95 0.57 -25.95
N LEU A 168 -2.15 -0.07 -25.09
CA LEU A 168 -0.70 0.02 -25.20
C LEU A 168 -0.21 -0.69 -26.46
N THR A 169 -0.84 -1.80 -26.79
CA THR A 169 -0.48 -2.56 -27.98
C THR A 169 -0.68 -1.75 -29.26
N ALA A 170 -1.80 -1.03 -29.31
CA ALA A 170 -2.15 -0.24 -30.49
C ALA A 170 -1.09 0.81 -30.81
N LEU A 171 -0.36 1.26 -29.79
CA LEU A 171 0.69 2.25 -29.98
C LEU A 171 1.99 1.61 -30.46
N ALA A 172 2.03 0.28 -30.43
CA ALA A 172 3.15 -0.50 -30.93
C ALA A 172 4.52 -0.04 -30.43
N PRO A 173 4.68 0.07 -29.10
CA PRO A 173 5.99 0.46 -28.57
C PRO A 173 6.97 -0.70 -28.71
N ARG A 174 8.24 -0.48 -28.39
CA ARG A 174 9.22 -1.55 -28.43
C ARG A 174 8.79 -2.65 -27.46
N VAL A 175 8.29 -2.23 -26.30
CA VAL A 175 7.81 -3.17 -25.28
C VAL A 175 6.56 -2.63 -24.61
N VAL A 176 5.57 -3.50 -24.44
CA VAL A 176 4.43 -3.20 -23.61
C VAL A 176 4.68 -3.84 -22.26
N LYS A 177 4.77 -3.02 -21.22
CA LYS A 177 5.00 -3.54 -19.88
C LYS A 177 3.82 -3.31 -18.95
N ILE A 178 3.26 -4.38 -18.41
CA ILE A 178 2.15 -4.26 -17.49
C ILE A 178 2.42 -5.04 -16.21
N ALA A 179 2.34 -4.35 -15.08
CA ALA A 179 2.54 -4.97 -13.77
C ALA A 179 1.38 -4.62 -12.84
N VAL A 180 0.72 -5.65 -12.31
CA VAL A 180 -0.47 -5.46 -11.50
C VAL A 180 -0.42 -6.24 -10.19
N MET A 181 -1.26 -5.83 -9.24
CA MET A 181 -1.29 -6.43 -7.91
C MET A 181 -2.53 -7.30 -7.76
N PRO A 182 -2.33 -8.60 -7.48
CA PRO A 182 -3.48 -9.51 -7.35
C PRO A 182 -4.14 -9.41 -5.98
N LYS A 183 -5.47 -9.53 -5.94
CA LYS A 183 -6.15 -9.63 -4.66
C LYS A 183 -6.58 -11.07 -4.39
N ASN A 184 -6.57 -11.89 -5.44
CA ASN A 184 -6.84 -13.33 -5.30
C ASN A 184 -6.07 -14.11 -6.34
N GLU A 185 -6.25 -15.43 -6.35
CA GLU A 185 -5.52 -16.28 -7.29
C GLU A 185 -5.97 -16.04 -8.72
N GLN A 186 -7.26 -15.86 -8.93
CA GLN A 186 -7.77 -15.62 -10.27
C GLN A 186 -7.11 -14.38 -10.93
N ASP A 187 -6.86 -13.33 -10.15
CA ASP A 187 -6.20 -12.13 -10.66
C ASP A 187 -4.85 -12.47 -11.30
N VAL A 188 -4.12 -13.36 -10.65
CA VAL A 188 -2.83 -13.81 -11.14
C VAL A 188 -2.99 -14.54 -12.45
N LEU A 189 -3.92 -15.49 -12.48
CA LEU A 189 -4.19 -16.24 -13.71
C LEU A 189 -4.67 -15.33 -14.83
N ASP A 190 -5.44 -14.29 -14.48
CA ASP A 190 -5.93 -13.36 -15.49
C ASP A 190 -4.77 -12.61 -16.16
N LEU A 191 -3.82 -12.14 -15.35
CA LEU A 191 -2.65 -11.44 -15.89
C LEU A 191 -1.91 -12.39 -16.84
N MET A 192 -1.73 -13.64 -16.40
CA MET A 192 -1.01 -14.62 -17.20
C MET A 192 -1.75 -14.91 -18.51
N ASN A 193 -3.06 -15.09 -18.40
CA ASN A 193 -3.89 -15.41 -19.56
C ASN A 193 -3.96 -14.27 -20.57
N TYR A 194 -4.12 -13.04 -20.09
CA TYR A 194 -4.13 -11.90 -20.99
C TYR A 194 -2.81 -11.76 -21.74
N THR A 195 -1.71 -12.04 -21.06
CA THR A 195 -0.41 -11.93 -21.70
C THR A 195 -0.29 -12.90 -22.88
N ARG A 196 -0.61 -14.17 -22.65
CA ARG A 196 -0.50 -15.14 -23.72
C ARG A 196 -1.53 -14.87 -24.83
N GLY A 197 -2.72 -14.41 -24.43
CA GLY A 197 -3.75 -14.08 -25.40
C GLY A 197 -3.30 -12.96 -26.32
N PHE A 198 -2.74 -11.90 -25.74
CA PHE A 198 -2.27 -10.79 -26.55
C PHE A 198 -1.01 -11.12 -27.36
N LYS A 199 -0.15 -11.98 -26.83
CA LYS A 199 1.02 -12.43 -27.58
C LYS A 199 0.60 -13.29 -28.77
N THR A 200 -0.46 -14.07 -28.60
CA THR A 200 -0.98 -14.88 -29.69
C THR A 200 -1.55 -14.01 -30.80
N LEU A 201 -2.29 -12.98 -30.39
CA LEU A 201 -2.86 -12.01 -31.32
C LEU A 201 -1.80 -11.15 -31.98
N ASN A 202 -0.74 -10.86 -31.22
CA ASN A 202 0.31 -9.93 -31.63
C ASN A 202 1.69 -10.52 -31.45
N PRO A 203 2.07 -11.47 -32.31
CA PRO A 203 3.31 -12.23 -32.08
C PRO A 203 4.56 -11.37 -32.21
N ASN A 204 4.47 -10.27 -32.96
CA ASN A 204 5.63 -9.40 -33.15
C ASN A 204 5.73 -8.31 -32.10
N GLN A 205 4.75 -8.24 -31.22
CA GLN A 205 4.79 -7.30 -30.11
C GLN A 205 5.41 -7.93 -28.87
N GLU A 206 6.46 -7.30 -28.35
CA GLU A 206 7.09 -7.76 -27.13
C GLU A 206 6.30 -7.30 -25.92
N TYR A 207 6.05 -8.23 -25.01
CA TYR A 207 5.33 -7.96 -23.79
C TYR A 207 6.23 -8.34 -22.63
N VAL A 208 6.17 -7.53 -21.58
CA VAL A 208 6.81 -7.84 -20.32
C VAL A 208 5.76 -7.61 -19.26
N THR A 209 5.34 -8.68 -18.59
CA THR A 209 4.23 -8.57 -17.67
C THR A 209 4.51 -9.34 -16.39
N MET A 210 3.76 -8.99 -15.34
CA MET A 210 3.91 -9.65 -14.05
C MET A 210 2.75 -9.33 -13.14
N SER A 211 2.36 -10.32 -12.35
CA SER A 211 1.45 -10.12 -11.25
C SER A 211 2.35 -10.03 -10.02
N MET A 212 2.28 -8.90 -9.32
CA MET A 212 3.21 -8.64 -8.23
C MET A 212 2.85 -9.37 -6.94
N SER A 213 3.76 -9.28 -5.96
CA SER A 213 3.60 -9.87 -4.62
C SER A 213 3.89 -11.36 -4.60
N LYS A 214 4.01 -11.92 -3.40
CA LYS A 214 4.22 -13.36 -3.23
C LYS A 214 3.14 -14.12 -3.97
N LEU A 215 1.90 -13.65 -3.85
CA LEU A 215 0.74 -14.27 -4.47
C LEU A 215 0.91 -14.42 -6.00
N GLY A 216 1.60 -13.47 -6.61
CA GLY A 216 1.74 -13.46 -8.05
C GLY A 216 3.02 -14.07 -8.60
N ARG A 217 3.86 -14.61 -7.71
CA ARG A 217 5.17 -15.13 -8.10
C ARG A 217 5.19 -16.08 -9.31
N ILE A 218 4.22 -16.98 -9.39
CA ILE A 218 4.18 -17.91 -10.51
C ILE A 218 4.21 -17.18 -11.86
N SER A 219 3.55 -16.02 -11.93
CA SER A 219 3.56 -15.23 -13.15
C SER A 219 4.98 -14.83 -13.58
N ARG A 220 5.87 -14.68 -12.60
CA ARG A 220 7.26 -14.33 -12.89
C ARG A 220 8.07 -15.53 -13.35
N LEU A 221 7.83 -16.69 -12.73
CA LEU A 221 8.50 -17.92 -13.14
C LEU A 221 8.04 -18.34 -14.52
N ALA A 222 6.80 -17.97 -14.86
CA ALA A 222 6.14 -18.44 -16.07
C ALA A 222 6.30 -17.53 -17.27
N ALA A 223 7.32 -16.67 -17.28
CA ALA A 223 7.52 -15.73 -18.37
C ALA A 223 7.45 -16.38 -19.75
N ASP A 224 8.19 -17.48 -19.95
CA ASP A 224 8.18 -18.17 -21.24
C ASP A 224 6.79 -18.67 -21.61
N LEU A 225 6.14 -19.35 -20.66
CA LEU A 225 4.80 -19.85 -20.92
C LEU A 225 3.84 -18.73 -21.35
N ILE A 226 3.86 -17.61 -20.65
CA ILE A 226 2.85 -16.60 -20.88
C ILE A 226 3.15 -15.64 -22.02
N GLY A 227 4.40 -15.60 -22.49
CA GLY A 227 4.78 -14.73 -23.58
C GLY A 227 5.37 -13.41 -23.12
N SER A 228 5.91 -13.39 -21.90
CA SER A 228 6.66 -12.24 -21.41
C SER A 228 8.13 -12.43 -21.76
N SER A 229 8.69 -11.45 -22.47
CA SER A 229 10.06 -11.53 -22.95
C SER A 229 11.08 -11.42 -21.83
N TRP A 230 10.74 -10.70 -20.77
CA TRP A 230 11.64 -10.54 -19.65
C TRP A 230 11.01 -10.91 -18.32
N THR A 231 11.85 -11.22 -17.34
CA THR A 231 11.42 -11.36 -15.97
C THR A 231 12.34 -10.52 -15.08
N PHE A 232 11.77 -9.91 -14.05
CA PHE A 232 12.55 -9.05 -13.15
C PHE A 232 13.02 -9.84 -11.94
N ALA A 233 14.33 -9.83 -11.71
CA ALA A 233 14.88 -10.54 -10.56
C ALA A 233 15.73 -9.58 -9.73
N SER A 234 15.75 -9.80 -8.42
CA SER A 234 16.42 -8.90 -7.49
C SER A 234 17.85 -9.31 -7.22
N LEU A 235 18.73 -8.32 -7.12
CA LEU A 235 20.12 -8.57 -6.77
C LEU A 235 20.33 -8.44 -5.26
N GLN A 243 8.71 -11.17 -5.88
CA GLN A 243 9.92 -11.02 -5.08
C GLN A 243 10.79 -12.27 -5.15
N ILE A 244 11.68 -12.33 -6.14
CA ILE A 244 12.57 -13.49 -6.25
C ILE A 244 13.96 -13.15 -6.79
N SER A 245 14.98 -13.76 -6.21
CA SER A 245 16.38 -13.39 -6.45
C SER A 245 16.87 -13.84 -7.81
N LEU A 246 17.95 -13.21 -8.26
CA LEU A 246 18.58 -13.58 -9.52
C LEU A 246 19.09 -15.01 -9.43
N ALA A 247 19.60 -15.38 -8.26
CA ALA A 247 20.11 -16.72 -8.02
C ALA A 247 19.04 -17.78 -8.23
N ASP A 248 17.90 -17.62 -7.56
CA ASP A 248 16.79 -18.56 -7.69
C ASP A 248 16.18 -18.54 -9.10
N MET A 249 16.11 -17.36 -9.72
CA MET A 249 15.51 -17.26 -11.04
C MET A 249 16.31 -18.06 -12.06
N ARG A 250 17.64 -18.03 -11.95
CA ARG A 250 18.49 -18.76 -12.87
C ARG A 250 18.32 -20.27 -12.67
N LYS A 251 18.17 -20.67 -11.41
CA LYS A 251 17.96 -22.07 -11.07
C LYS A 251 16.65 -22.57 -11.67
N ILE A 252 15.59 -21.80 -11.46
CA ILE A 252 14.27 -22.20 -11.94
C ILE A 252 14.21 -22.19 -13.48
N LYS A 253 14.91 -21.24 -14.09
CA LYS A 253 15.08 -21.28 -15.54
C LYS A 253 15.63 -22.64 -15.98
N GLU A 254 16.66 -23.10 -15.28
CA GLU A 254 17.28 -24.39 -15.58
C GLU A 254 16.27 -25.52 -15.45
N VAL A 255 15.48 -25.50 -14.38
CA VAL A 255 14.46 -26.52 -14.17
C VAL A 255 13.48 -26.53 -15.35
N LEU A 256 13.02 -25.35 -15.73
CA LEU A 256 12.02 -25.26 -16.79
C LEU A 256 12.57 -25.63 -18.16
N ASP A 257 13.86 -25.37 -18.39
CA ASP A 257 14.47 -25.54 -19.70
C ASP A 257 14.97 -26.96 -19.96
N ALA A 258 15.13 -27.73 -18.89
CA ALA A 258 15.72 -29.07 -19.00
C ALA A 258 14.89 -30.02 -19.86
N ASN A 259 15.56 -30.97 -20.52
CA ASN A 259 14.88 -31.92 -21.37
C ASN A 259 13.77 -32.69 -20.64
N MET B 35 -10.44 -6.22 30.04
CA MET B 35 -11.33 -5.92 28.93
C MET B 35 -12.15 -4.66 29.18
N LYS B 36 -11.70 -3.53 28.63
CA LYS B 36 -12.43 -2.28 28.72
C LYS B 36 -13.36 -2.14 27.52
N ILE B 37 -14.48 -1.46 27.71
CA ILE B 37 -15.43 -1.26 26.63
C ILE B 37 -15.27 0.12 25.98
N VAL B 38 -15.12 0.13 24.66
CA VAL B 38 -15.08 1.38 23.91
C VAL B 38 -16.47 1.69 23.39
N VAL B 39 -16.94 2.90 23.66
CA VAL B 39 -18.25 3.34 23.20
C VAL B 39 -18.09 4.53 22.25
N PRO B 40 -18.51 4.38 20.99
CA PRO B 40 -18.33 5.46 20.01
C PRO B 40 -19.46 6.47 20.01
N VAL B 41 -19.12 7.72 19.70
CA VAL B 41 -20.11 8.75 19.43
C VAL B 41 -19.81 9.35 18.06
N MET B 42 -20.84 9.63 17.27
CA MET B 42 -20.64 10.13 15.93
C MET B 42 -21.64 11.21 15.51
N PRO B 43 -21.72 12.30 16.30
CA PRO B 43 -22.60 13.42 15.95
C PRO B 43 -22.18 14.03 14.61
N GLN B 44 -23.15 14.51 13.84
CA GLN B 44 -22.87 15.07 12.53
C GLN B 44 -22.83 16.59 12.57
N ASN B 45 -23.12 17.15 13.74
CA ASN B 45 -23.05 18.60 13.95
C ASN B 45 -23.12 18.93 15.44
N ILE B 46 -23.07 20.21 15.77
CA ILE B 46 -23.03 20.60 17.18
C ILE B 46 -24.34 20.31 17.89
N GLU B 47 -25.44 20.37 17.14
CA GLU B 47 -26.74 20.09 17.72
C GLU B 47 -26.82 18.63 18.18
N GLU B 48 -26.38 17.72 17.31
CA GLU B 48 -26.33 16.29 17.67
C GLU B 48 -25.36 16.05 18.82
N ALA B 49 -24.24 16.78 18.83
CA ALA B 49 -23.27 16.66 19.90
C ALA B 49 -23.87 17.07 21.24
N ASN B 50 -24.59 18.20 21.25
CA ASN B 50 -25.24 18.68 22.47
C ASN B 50 -26.26 17.67 23.00
N GLN B 51 -26.81 16.86 22.10
CA GLN B 51 -27.86 15.90 22.46
C GLN B 51 -27.27 14.71 23.21
N LEU B 52 -25.97 14.50 23.09
CA LEU B 52 -25.32 13.33 23.66
C LEU B 52 -25.52 13.21 25.16
N ASP B 53 -26.09 12.08 25.57
CA ASP B 53 -26.20 11.72 26.98
C ASP B 53 -25.24 10.59 27.26
N LEU B 54 -24.13 10.91 27.92
CA LEU B 54 -23.09 9.92 28.17
C LEU B 54 -23.10 9.44 29.62
N THR B 55 -24.19 9.71 30.32
CA THR B 55 -24.32 9.33 31.74
C THR B 55 -24.30 7.82 31.95
N ARG B 56 -24.69 7.07 30.92
CA ARG B 56 -24.72 5.61 31.00
C ARG B 56 -23.29 5.09 30.97
N ILE B 57 -22.37 5.94 30.52
CA ILE B 57 -20.98 5.56 30.37
C ILE B 57 -20.24 5.57 31.71
N ASP B 58 -19.57 4.48 32.02
CA ASP B 58 -18.89 4.33 33.30
C ASP B 58 -17.45 4.85 33.24
N SER B 59 -16.86 5.05 34.42
CA SER B 59 -15.53 5.62 34.52
C SER B 59 -14.45 4.73 33.90
N THR B 60 -14.76 3.45 33.74
CA THR B 60 -13.81 2.51 33.16
C THR B 60 -13.97 2.44 31.64
N ASP B 61 -15.10 2.94 31.15
CA ASP B 61 -15.38 2.90 29.72
C ASP B 61 -14.56 3.96 29.00
N ILE B 62 -14.18 3.66 27.76
CA ILE B 62 -13.43 4.59 26.91
C ILE B 62 -14.39 5.12 25.86
N ILE B 63 -14.39 6.42 25.65
CA ILE B 63 -15.25 6.99 24.63
C ILE B 63 -14.46 7.26 23.34
N GLU B 64 -14.96 6.76 22.21
CA GLU B 64 -14.33 7.07 20.93
C GLU B 64 -15.13 8.14 20.22
N TRP B 65 -14.52 9.31 20.00
CA TRP B 65 -15.16 10.32 19.18
C TRP B 65 -14.84 10.11 17.72
N ARG B 66 -15.85 9.68 16.96
CA ARG B 66 -15.70 9.49 15.51
C ARG B 66 -15.91 10.82 14.81
N ALA B 67 -14.84 11.60 14.73
CA ALA B 67 -14.91 12.98 14.24
C ALA B 67 -15.14 13.05 12.74
N ASP B 68 -14.93 11.93 12.03
CA ASP B 68 -15.09 11.92 10.59
C ASP B 68 -16.55 12.09 10.15
N TYR B 69 -17.46 12.04 11.11
CA TYR B 69 -18.88 12.24 10.84
C TYR B 69 -19.19 13.71 10.63
N LEU B 70 -18.25 14.54 11.02
CA LEU B 70 -18.37 15.99 10.87
C LEU B 70 -17.70 16.43 9.58
N VAL B 71 -18.16 17.55 9.01
CA VAL B 71 -17.44 18.19 7.90
C VAL B 71 -16.17 18.80 8.47
N LYS B 72 -15.11 18.84 7.68
CA LYS B 72 -13.80 19.19 8.22
C LYS B 72 -13.81 20.50 9.01
N ASP B 73 -14.53 21.49 8.52
CA ASP B 73 -14.56 22.81 9.17
C ASP B 73 -15.38 22.85 10.45
N ASP B 74 -16.10 21.77 10.75
CA ASP B 74 -16.95 21.71 11.93
C ASP B 74 -16.25 21.04 13.11
N ILE B 75 -15.21 20.27 12.82
CA ILE B 75 -14.54 19.47 13.84
C ILE B 75 -14.04 20.32 15.01
N LEU B 76 -13.34 21.41 14.72
CA LEU B 76 -12.77 22.23 15.77
C LEU B 76 -13.82 23.11 16.47
N THR B 77 -14.94 23.31 15.81
CA THR B 77 -16.06 24.02 16.42
C THR B 77 -16.76 23.12 17.45
N VAL B 78 -16.87 21.84 17.13
CA VAL B 78 -17.53 20.88 18.01
C VAL B 78 -16.64 20.46 19.18
N ALA B 79 -15.33 20.38 18.93
CA ALA B 79 -14.38 19.89 19.92
C ALA B 79 -14.49 20.41 21.37
N PRO B 80 -14.60 21.74 21.56
CA PRO B 80 -14.61 22.23 22.94
C PRO B 80 -15.78 21.66 23.75
N ALA B 81 -16.98 21.73 23.18
CA ALA B 81 -18.17 21.24 23.84
C ALA B 81 -18.07 19.74 24.10
N ILE B 82 -17.64 18.99 23.10
CA ILE B 82 -17.64 17.55 23.22
C ILE B 82 -16.59 17.06 24.22
N PHE B 83 -15.49 17.80 24.36
CA PHE B 83 -14.46 17.43 25.32
C PHE B 83 -14.80 17.78 26.77
N GLU B 84 -15.64 18.79 26.97
CA GLU B 84 -16.15 19.09 28.31
C GLU B 84 -16.98 17.91 28.80
N LYS B 85 -17.79 17.36 27.91
CA LYS B 85 -18.62 16.19 28.23
C LYS B 85 -17.75 14.97 28.48
N PHE B 86 -16.71 14.80 27.67
CA PHE B 86 -15.84 13.64 27.78
C PHE B 86 -15.02 13.67 29.08
N SER B 87 -14.91 14.85 29.67
CA SER B 87 -14.05 15.05 30.83
C SER B 87 -14.24 14.00 31.93
N GLY B 88 -13.14 13.40 32.37
CA GLY B 88 -13.19 12.36 33.37
C GLY B 88 -13.05 10.98 32.74
N HIS B 89 -13.35 10.91 31.45
CA HIS B 89 -13.25 9.65 30.71
C HIS B 89 -11.99 9.61 29.87
N GLU B 90 -11.52 8.40 29.58
CA GLU B 90 -10.50 8.26 28.56
C GLU B 90 -11.18 8.49 27.22
N VAL B 91 -10.51 9.19 26.32
CA VAL B 91 -11.08 9.52 25.03
C VAL B 91 -10.15 9.11 23.89
N ILE B 92 -10.72 8.50 22.85
CA ILE B 92 -10.00 8.27 21.61
C ILE B 92 -10.49 9.27 20.58
N PHE B 93 -9.57 10.00 19.97
CA PHE B 93 -9.93 10.87 18.86
C PHE B 93 -9.70 10.16 17.52
N THR B 94 -10.78 9.93 16.77
CA THR B 94 -10.69 9.14 15.55
C THR B 94 -11.18 9.89 14.33
N LEU B 95 -10.31 9.99 13.33
CA LEU B 95 -10.71 10.42 11.99
C LEU B 95 -10.63 9.24 11.02
N ARG B 96 -11.72 8.47 10.91
CA ARG B 96 -11.76 7.33 9.99
C ARG B 96 -12.04 7.85 8.57
N THR B 97 -11.14 7.57 7.63
CA THR B 97 -11.27 8.15 6.29
C THR B 97 -12.04 7.23 5.37
N GLU B 98 -12.46 7.76 4.23
CA GLU B 98 -13.24 6.97 3.28
C GLU B 98 -12.44 5.82 2.68
N LYS B 99 -11.10 5.92 2.69
CA LYS B 99 -10.29 4.83 2.20
C LYS B 99 -10.54 3.55 3.00
N GLU B 100 -10.95 3.73 4.26
CA GLU B 100 -11.21 2.60 5.15
C GLU B 100 -12.61 2.63 5.79
N GLY B 101 -13.58 3.06 5.00
CA GLY B 101 -14.98 2.96 5.38
C GLY B 101 -15.47 4.04 6.32
N GLY B 102 -14.73 5.14 6.40
CA GLY B 102 -15.13 6.27 7.21
C GLY B 102 -15.86 7.32 6.40
N ASN B 103 -16.10 8.48 7.00
CA ASN B 103 -16.95 9.50 6.38
C ASN B 103 -16.24 10.79 6.02
N ILE B 104 -14.92 10.80 6.03
CA ILE B 104 -14.18 12.01 5.67
C ILE B 104 -12.96 11.72 4.80
N SER B 105 -12.60 12.69 3.97
CA SER B 105 -11.36 12.62 3.21
C SER B 105 -10.50 13.84 3.56
N LEU B 106 -9.23 13.62 3.85
CA LEU B 106 -8.35 14.70 4.28
C LEU B 106 -6.97 14.61 3.68
N SER B 107 -6.42 15.75 3.29
CA SER B 107 -5.05 15.80 2.83
C SER B 107 -4.13 15.46 4.00
N ASN B 108 -2.89 15.12 3.69
CA ASN B 108 -1.88 14.92 4.73
C ASN B 108 -1.79 16.12 5.67
N GLU B 109 -1.77 17.33 5.11
CA GLU B 109 -1.63 18.52 5.94
C GLU B 109 -2.83 18.75 6.86
N ASP B 110 -4.04 18.53 6.35
CA ASP B 110 -5.26 18.72 7.14
C ASP B 110 -5.41 17.65 8.22
N TYR B 111 -5.10 16.41 7.86
CA TYR B 111 -5.16 15.31 8.81
C TYR B 111 -4.27 15.60 10.01
N LEU B 112 -3.02 15.93 9.70
CA LEU B 112 -2.02 16.20 10.72
C LEU B 112 -2.35 17.45 11.53
N ALA B 113 -2.83 18.50 10.85
CA ALA B 113 -3.17 19.73 11.55
C ALA B 113 -4.34 19.57 12.51
N ILE B 114 -5.37 18.85 12.09
CA ILE B 114 -6.50 18.63 12.96
C ILE B 114 -6.08 17.80 14.16
N ILE B 115 -5.35 16.71 13.91
CA ILE B 115 -4.90 15.83 14.98
C ILE B 115 -4.00 16.59 15.97
N ARG B 116 -3.03 17.33 15.45
CA ARG B 116 -2.08 18.02 16.32
C ARG B 116 -2.73 19.19 17.05
N ASP B 117 -3.71 19.82 16.42
CA ASP B 117 -4.50 20.86 17.07
C ASP B 117 -5.35 20.28 18.20
N ILE B 118 -6.02 19.17 17.92
CA ILE B 118 -6.80 18.47 18.94
C ILE B 118 -5.91 18.05 20.11
N ALA B 119 -4.74 17.52 19.79
CA ALA B 119 -3.78 17.10 20.80
C ALA B 119 -3.35 18.27 21.66
N ALA B 120 -3.06 19.40 21.03
CA ALA B 120 -2.55 20.55 21.75
C ALA B 120 -3.61 21.16 22.66
N LEU B 121 -4.85 21.19 22.18
CA LEU B 121 -5.94 21.85 22.89
C LEU B 121 -6.65 20.98 23.92
N TYR B 122 -6.73 19.67 23.67
CA TYR B 122 -7.57 18.80 24.49
C TYR B 122 -6.89 17.55 25.05
N GLN B 123 -5.72 17.21 24.52
CA GLN B 123 -4.96 16.04 24.96
C GLN B 123 -5.83 14.79 25.15
N PRO B 124 -6.42 14.28 24.07
CA PRO B 124 -7.12 13.01 24.20
C PRO B 124 -6.14 11.93 24.65
N ASP B 125 -6.63 10.92 25.37
CA ASP B 125 -5.78 9.85 25.83
C ASP B 125 -5.17 9.06 24.69
N TYR B 126 -5.93 8.91 23.60
CA TYR B 126 -5.47 8.15 22.44
C TYR B 126 -5.80 8.88 21.16
N ILE B 127 -4.91 8.76 20.18
CA ILE B 127 -5.16 9.33 18.86
C ILE B 127 -5.08 8.23 17.81
N ASP B 128 -6.15 8.10 17.02
CA ASP B 128 -6.15 7.14 15.93
C ASP B 128 -5.29 7.64 14.77
N PHE B 129 -4.41 6.77 14.27
CA PHE B 129 -3.63 7.07 13.09
C PHE B 129 -3.91 5.96 12.08
N GLU B 130 -4.58 6.32 11.01
CA GLU B 130 -4.98 5.33 10.01
C GLU B 130 -3.78 5.02 9.14
N TYR B 131 -3.04 3.97 9.51
CA TYR B 131 -1.70 3.75 8.99
C TYR B 131 -1.56 3.70 7.47
N PHE B 132 -2.35 2.87 6.81
CA PHE B 132 -2.17 2.70 5.38
C PHE B 132 -2.68 3.89 4.55
N SER B 133 -3.35 4.82 5.20
CA SER B 133 -3.76 6.06 4.56
C SER B 133 -2.72 7.18 4.71
N TYR B 134 -1.88 7.09 5.75
CA TYR B 134 -0.97 8.18 6.06
C TYR B 134 0.43 7.73 6.48
N ARG B 135 0.81 6.52 6.08
CA ARG B 135 2.11 5.99 6.47
C ARG B 135 3.26 6.92 6.09
N ASP B 136 3.08 7.69 5.02
CA ASP B 136 4.11 8.61 4.52
C ASP B 136 4.47 9.71 5.53
N VAL B 137 3.57 10.00 6.45
CA VAL B 137 3.79 11.08 7.41
C VAL B 137 3.74 10.64 8.87
N LEU B 138 3.72 9.33 9.10
CA LEU B 138 3.75 8.80 10.46
C LEU B 138 4.99 9.33 11.18
N GLU B 139 6.05 9.54 10.42
CA GLU B 139 7.29 10.10 10.96
C GLU B 139 7.05 11.45 11.65
N GLU B 140 6.14 12.24 11.10
CA GLU B 140 5.85 13.56 11.66
C GLU B 140 5.23 13.51 13.06
N MET B 141 4.78 12.31 13.47
CA MET B 141 4.14 12.14 14.76
C MET B 141 5.09 11.52 15.78
N TYR B 142 6.39 11.70 15.56
CA TYR B 142 7.42 11.14 16.43
C TYR B 142 7.20 11.48 17.90
N ASP B 143 6.67 12.67 18.16
CA ASP B 143 6.48 13.14 19.53
C ASP B 143 5.29 12.51 20.24
N PHE B 144 4.55 11.67 19.53
CA PHE B 144 3.35 11.07 20.09
C PHE B 144 3.58 9.61 20.51
N SER B 145 3.22 9.29 21.74
CA SER B 145 3.36 7.94 22.25
C SER B 145 2.00 7.34 22.62
N ASN B 146 0.94 7.96 22.12
CA ASN B 146 -0.43 7.52 22.41
C ASN B 146 -1.20 7.17 21.14
N LEU B 147 -0.50 6.64 20.14
CA LEU B 147 -1.12 6.39 18.85
C LEU B 147 -1.77 5.01 18.74
N ILE B 148 -2.97 4.99 18.19
CA ILE B 148 -3.61 3.73 17.81
C ILE B 148 -3.38 3.61 16.31
N LEU B 149 -2.49 2.72 15.91
CA LEU B 149 -2.27 2.50 14.49
C LEU B 149 -3.37 1.55 14.05
N SER B 150 -4.27 2.05 13.22
CA SER B 150 -5.48 1.28 12.90
C SER B 150 -5.54 0.84 11.45
N TYR B 151 -6.22 -0.28 11.22
CA TYR B 151 -6.57 -0.75 9.89
C TYR B 151 -8.01 -1.25 9.96
N HIS B 152 -8.85 -0.77 9.05
CA HIS B 152 -10.24 -1.23 8.97
C HIS B 152 -10.52 -1.70 7.55
N ASN B 153 -11.23 -2.83 7.45
CA ASN B 153 -11.70 -3.30 6.16
C ASN B 153 -13.18 -3.67 6.31
N PHE B 154 -14.05 -2.84 5.75
CA PHE B 154 -15.49 -3.03 5.92
C PHE B 154 -16.08 -3.97 4.88
N GLU B 155 -15.24 -4.45 3.97
CA GLU B 155 -15.73 -5.31 2.89
C GLU B 155 -15.33 -6.78 3.00
N GLU B 156 -14.20 -7.05 3.64
CA GLU B 156 -13.71 -8.43 3.73
C GLU B 156 -12.67 -8.62 4.82
N THR B 157 -12.33 -9.89 5.05
CA THR B 157 -11.23 -10.28 5.91
C THR B 157 -10.10 -10.70 4.97
N PRO B 158 -9.15 -9.79 4.71
CA PRO B 158 -8.18 -9.97 3.63
C PRO B 158 -7.27 -11.17 3.83
N GLU B 159 -6.89 -11.81 2.74
CA GLU B 159 -6.02 -12.98 2.79
C GLU B 159 -4.66 -12.63 3.39
N ASN B 160 -4.22 -11.39 3.18
CA ASN B 160 -2.93 -10.95 3.69
C ASN B 160 -3.02 -10.34 5.08
N LEU B 161 -4.09 -10.67 5.80
CA LEU B 161 -4.33 -10.09 7.13
C LEU B 161 -3.15 -10.28 8.09
N MET B 162 -2.47 -11.41 7.99
CA MET B 162 -1.30 -11.67 8.83
C MET B 162 -0.22 -10.60 8.61
N GLU B 163 -0.05 -10.19 7.35
CA GLU B 163 0.91 -9.14 7.01
C GLU B 163 0.58 -7.81 7.69
N VAL B 164 -0.72 -7.50 7.78
CA VAL B 164 -1.17 -6.28 8.45
C VAL B 164 -0.78 -6.29 9.91
N PHE B 165 -1.08 -7.39 10.59
CA PHE B 165 -0.69 -7.57 11.98
C PHE B 165 0.82 -7.40 12.11
N SER B 166 1.57 -8.01 11.21
CA SER B 166 3.03 -7.96 11.25
C SER B 166 3.55 -6.54 11.09
N GLU B 167 3.07 -5.84 10.07
CA GLU B 167 3.57 -4.49 9.78
C GLU B 167 3.25 -3.49 10.88
N LEU B 168 2.02 -3.52 11.38
CA LEU B 168 1.62 -2.58 12.43
C LEU B 168 2.34 -2.90 13.74
N THR B 169 2.59 -4.18 13.98
CA THR B 169 3.31 -4.59 15.19
C THR B 169 4.75 -4.08 15.18
N ALA B 170 5.41 -4.20 14.04
CA ALA B 170 6.81 -3.80 13.91
C ALA B 170 7.02 -2.36 14.36
N LEU B 171 5.98 -1.53 14.17
CA LEU B 171 6.07 -0.11 14.45
C LEU B 171 5.86 0.22 15.93
N ALA B 172 5.47 -0.79 16.70
CA ALA B 172 5.30 -0.67 18.15
C ALA B 172 4.55 0.58 18.58
N PRO B 173 3.29 0.74 18.13
CA PRO B 173 2.48 1.85 18.60
C PRO B 173 1.85 1.53 19.96
N ARG B 174 1.19 2.52 20.56
CA ARG B 174 0.49 2.30 21.83
C ARG B 174 -0.51 1.16 21.68
N VAL B 175 -1.24 1.17 20.57
CA VAL B 175 -2.18 0.10 20.25
C VAL B 175 -2.14 -0.22 18.77
N VAL B 176 -2.20 -1.52 18.45
CA VAL B 176 -2.45 -1.95 17.08
C VAL B 176 -3.94 -2.30 17.03
N LYS B 177 -4.66 -1.64 16.12
CA LYS B 177 -6.10 -1.86 16.01
C LYS B 177 -6.44 -2.37 14.63
N ILE B 178 -7.10 -3.52 14.58
CA ILE B 178 -7.46 -4.15 13.33
C ILE B 178 -8.92 -4.60 13.39
N ALA B 179 -9.74 -4.07 12.48
CA ALA B 179 -11.17 -4.43 12.43
C ALA B 179 -11.53 -4.84 11.00
N VAL B 180 -12.08 -6.02 10.83
CA VAL B 180 -12.34 -6.55 9.50
C VAL B 180 -13.75 -7.11 9.40
N MET B 181 -14.20 -7.32 8.17
CA MET B 181 -15.57 -7.77 7.91
C MET B 181 -15.55 -9.20 7.42
N PRO B 182 -16.26 -10.08 8.13
CA PRO B 182 -16.32 -11.49 7.77
C PRO B 182 -17.27 -11.75 6.62
N LYS B 183 -16.93 -12.67 5.73
CA LYS B 183 -17.88 -13.14 4.72
C LYS B 183 -18.41 -14.52 5.10
N ASN B 184 -17.77 -15.15 6.09
CA ASN B 184 -18.24 -16.41 6.65
C ASN B 184 -17.77 -16.62 8.09
N GLU B 185 -18.12 -17.76 8.67
CA GLU B 185 -17.76 -18.02 10.06
C GLU B 185 -16.26 -18.16 10.23
N GLN B 186 -15.62 -18.84 9.29
CA GLN B 186 -14.19 -19.05 9.38
C GLN B 186 -13.44 -17.70 9.46
N ASP B 187 -13.91 -16.69 8.72
CA ASP B 187 -13.27 -15.37 8.76
C ASP B 187 -13.22 -14.79 10.17
N VAL B 188 -14.28 -15.02 10.93
CA VAL B 188 -14.38 -14.51 12.29
C VAL B 188 -13.36 -15.22 13.16
N LEU B 189 -13.32 -16.54 13.01
CA LEU B 189 -12.35 -17.36 13.73
C LEU B 189 -10.91 -16.98 13.37
N ASP B 190 -10.68 -16.65 12.10
CA ASP B 190 -9.35 -16.27 11.63
C ASP B 190 -8.89 -14.99 12.33
N LEU B 191 -9.77 -14.00 12.40
CA LEU B 191 -9.45 -12.76 13.09
C LEU B 191 -9.12 -13.05 14.55
N MET B 192 -9.90 -13.93 15.17
CA MET B 192 -9.69 -14.27 16.57
C MET B 192 -8.35 -14.97 16.75
N ASN B 193 -8.09 -15.99 15.93
CA ASN B 193 -6.81 -16.71 15.96
C ASN B 193 -5.59 -15.83 15.69
N TYR B 194 -5.71 -14.86 14.79
CA TYR B 194 -4.59 -13.98 14.51
C TYR B 194 -4.30 -13.12 15.72
N THR B 195 -5.35 -12.65 16.39
CA THR B 195 -5.16 -11.78 17.55
C THR B 195 -4.41 -12.53 18.64
N ARG B 196 -4.88 -13.73 18.98
CA ARG B 196 -4.25 -14.54 20.02
C ARG B 196 -2.82 -14.91 19.65
N GLY B 197 -2.62 -15.26 18.39
CA GLY B 197 -1.30 -15.60 17.89
C GLY B 197 -0.29 -14.47 18.03
N PHE B 198 -0.66 -13.28 17.57
CA PHE B 198 0.25 -12.14 17.65
C PHE B 198 0.42 -11.65 19.09
N LYS B 199 -0.61 -11.81 19.91
CA LYS B 199 -0.51 -11.42 21.31
C LYS B 199 0.48 -12.32 22.03
N THR B 200 0.55 -13.58 21.61
CA THR B 200 1.45 -14.56 22.21
C THR B 200 2.90 -14.27 21.78
N LEU B 201 3.08 -13.91 20.51
CA LEU B 201 4.39 -13.54 20.02
C LEU B 201 4.85 -12.21 20.61
N ASN B 202 3.89 -11.33 20.88
CA ASN B 202 4.18 -9.96 21.30
C ASN B 202 3.37 -9.59 22.53
N PRO B 203 3.64 -10.26 23.65
CA PRO B 203 2.85 -10.15 24.89
C PRO B 203 2.81 -8.73 25.46
N ASN B 204 3.75 -7.88 25.05
CA ASN B 204 3.80 -6.52 25.58
C ASN B 204 3.16 -5.49 24.65
N GLN B 205 2.72 -5.97 23.47
CA GLN B 205 2.01 -5.12 22.54
C GLN B 205 0.50 -5.17 22.80
N GLU B 206 -0.13 -4.00 22.89
CA GLU B 206 -1.56 -3.92 23.07
C GLU B 206 -2.23 -4.07 21.72
N TYR B 207 -3.19 -4.99 21.63
CA TYR B 207 -3.98 -5.18 20.42
C TYR B 207 -5.45 -4.88 20.70
N VAL B 208 -6.11 -4.23 19.75
CA VAL B 208 -7.56 -4.09 19.81
C VAL B 208 -8.13 -4.54 18.48
N THR B 209 -8.93 -5.61 18.49
CA THR B 209 -9.39 -6.21 17.25
C THR B 209 -10.84 -6.63 17.31
N MET B 210 -11.47 -6.72 16.15
CA MET B 210 -12.82 -7.25 16.06
C MET B 210 -13.15 -7.65 14.65
N SER B 211 -14.05 -8.63 14.55
CA SER B 211 -14.67 -9.00 13.29
C SER B 211 -16.06 -8.36 13.34
N MET B 212 -16.39 -7.55 12.33
CA MET B 212 -17.62 -6.76 12.40
C MET B 212 -18.88 -7.53 11.99
N SER B 213 -20.01 -6.83 12.10
CA SER B 213 -21.34 -7.33 11.71
C SER B 213 -21.92 -8.33 12.71
N LYS B 214 -23.18 -8.69 12.51
CA LYS B 214 -23.84 -9.66 13.39
C LYS B 214 -23.04 -10.95 13.47
N LEU B 215 -22.56 -11.41 12.32
CA LEU B 215 -21.82 -12.65 12.22
C LEU B 215 -20.53 -12.64 13.05
N GLY B 216 -19.98 -11.46 13.27
CA GLY B 216 -18.71 -11.32 13.97
C GLY B 216 -18.84 -11.08 15.47
N ARG B 217 -20.07 -11.06 15.98
CA ARG B 217 -20.30 -10.68 17.38
C ARG B 217 -19.46 -11.43 18.40
N ILE B 218 -19.28 -12.73 18.19
CA ILE B 218 -18.50 -13.51 19.13
C ILE B 218 -17.10 -12.91 19.33
N SER B 219 -16.54 -12.34 18.27
CA SER B 219 -15.19 -11.77 18.36
C SER B 219 -15.12 -10.65 19.38
N ARG B 220 -16.20 -9.88 19.52
CA ARG B 220 -16.22 -8.82 20.51
C ARG B 220 -16.48 -9.32 21.93
N LEU B 221 -17.32 -10.34 22.06
CA LEU B 221 -17.54 -10.96 23.36
C LEU B 221 -16.25 -11.64 23.84
N ALA B 222 -15.44 -12.08 22.89
CA ALA B 222 -14.25 -12.89 23.17
C ALA B 222 -12.95 -12.10 23.31
N ALA B 223 -13.06 -10.80 23.58
CA ALA B 223 -11.87 -9.94 23.67
C ALA B 223 -10.78 -10.49 24.60
N ASP B 224 -11.17 -10.88 25.81
CA ASP B 224 -10.23 -11.46 26.77
C ASP B 224 -9.55 -12.71 26.23
N LEU B 225 -10.36 -13.60 25.64
CA LEU B 225 -9.84 -14.84 25.11
C LEU B 225 -8.82 -14.62 23.99
N ILE B 226 -9.08 -13.66 23.10
CA ILE B 226 -8.25 -13.51 21.91
C ILE B 226 -7.05 -12.59 22.13
N GLY B 227 -7.06 -11.85 23.23
CA GLY B 227 -5.95 -10.98 23.55
C GLY B 227 -6.19 -9.55 23.11
N SER B 228 -7.46 -9.19 22.93
CA SER B 228 -7.81 -7.81 22.60
C SER B 228 -8.04 -7.04 23.89
N SER B 229 -7.28 -5.97 24.10
CA SER B 229 -7.36 -5.24 25.35
C SER B 229 -8.71 -4.54 25.54
N TRP B 230 -9.33 -4.17 24.43
CA TRP B 230 -10.62 -3.49 24.50
C TRP B 230 -11.68 -4.21 23.68
N THR B 231 -12.93 -4.07 24.12
CA THR B 231 -14.06 -4.49 23.32
C THR B 231 -14.87 -3.26 22.92
N PHE B 232 -15.90 -3.49 22.12
CA PHE B 232 -16.57 -2.42 21.41
C PHE B 232 -18.07 -2.61 21.60
N ALA B 233 -18.78 -1.53 21.90
CA ALA B 233 -20.21 -1.63 22.13
C ALA B 233 -20.92 -0.32 21.85
N SER B 234 -22.20 -0.39 21.51
N SER B 234 -22.19 -0.39 21.48
CA SER B 234 -22.96 0.80 21.12
CA SER B 234 -22.96 0.80 21.15
C SER B 234 -23.76 1.41 22.27
C SER B 234 -23.63 1.41 22.37
N LEU B 235 -23.69 2.74 22.41
CA LEU B 235 -24.31 3.42 23.53
C LEU B 235 -25.77 3.01 23.70
N GLU B 236 -26.54 3.13 22.63
CA GLU B 236 -27.95 2.77 22.67
C GLU B 236 -28.22 1.35 22.17
N GLN B 237 -29.35 0.80 22.59
CA GLN B 237 -29.75 -0.54 22.18
C GLN B 237 -29.97 -0.62 20.68
N ALA B 240 -26.52 0.51 13.17
CA ALA B 240 -27.59 -0.07 13.98
C ALA B 240 -27.54 -1.60 13.96
N PRO B 241 -27.58 -2.20 12.75
CA PRO B 241 -27.54 -3.67 12.70
C PRO B 241 -26.16 -4.21 13.03
N GLY B 242 -26.11 -5.41 13.60
CA GLY B 242 -24.86 -6.09 13.86
C GLY B 242 -24.11 -5.59 15.07
N GLN B 243 -24.79 -4.84 15.94
CA GLN B 243 -24.15 -4.29 17.12
C GLN B 243 -24.46 -5.03 18.41
N ILE B 244 -23.65 -4.76 19.42
CA ILE B 244 -23.91 -5.21 20.78
C ILE B 244 -24.02 -3.97 21.66
N SER B 245 -25.12 -3.84 22.38
CA SER B 245 -25.31 -2.66 23.22
C SER B 245 -24.37 -2.63 24.42
N LEU B 246 -24.07 -1.43 24.90
CA LEU B 246 -23.25 -1.29 26.10
C LEU B 246 -23.86 -2.10 27.24
N ALA B 247 -25.19 -2.02 27.36
CA ALA B 247 -25.91 -2.73 28.41
C ALA B 247 -25.69 -4.23 28.33
N ASP B 248 -25.87 -4.80 27.14
CA ASP B 248 -25.70 -6.24 26.95
C ASP B 248 -24.25 -6.68 27.12
N MET B 249 -23.31 -5.85 26.69
CA MET B 249 -21.90 -6.18 26.82
C MET B 249 -21.53 -6.33 28.29
N ARG B 250 -22.03 -5.42 29.12
CA ARG B 250 -21.76 -5.48 30.55
C ARG B 250 -22.29 -6.76 31.15
N LYS B 251 -23.50 -7.14 30.74
CA LYS B 251 -24.14 -8.34 31.24
C LYS B 251 -23.33 -9.59 30.86
N ILE B 252 -22.85 -9.62 29.62
CA ILE B 252 -22.10 -10.78 29.15
C ILE B 252 -20.71 -10.83 29.78
N LYS B 253 -20.12 -9.66 30.04
CA LYS B 253 -18.87 -9.62 30.78
C LYS B 253 -19.04 -10.32 32.12
N GLU B 254 -20.16 -10.04 32.78
CA GLU B 254 -20.48 -10.65 34.06
C GLU B 254 -20.58 -12.16 33.95
N VAL B 255 -21.17 -12.62 32.86
CA VAL B 255 -21.35 -14.05 32.62
C VAL B 255 -20.01 -14.74 32.40
N LEU B 256 -19.11 -14.08 31.70
CA LEU B 256 -17.78 -14.63 31.42
C LEU B 256 -16.88 -14.51 32.64
N ASP B 257 -17.21 -13.58 33.53
CA ASP B 257 -16.35 -13.23 34.66
C ASP B 257 -15.04 -12.62 34.18
#